data_6LVO
#
_entry.id   6LVO
#
_cell.length_a   114.486
_cell.length_b   114.486
_cell.length_c   114.486
_cell.angle_alpha   90.000
_cell.angle_beta   90.000
_cell.angle_gamma   90.000
#
_symmetry.space_group_name_H-M   'I 2 3'
#
loop_
_entity.id
_entity.type
_entity.pdbx_description
1 polymer 'Enoyl-CoA hydratase'
2 water water
#
_entity_poly.entity_id   1
_entity_poly.type   'polypeptide(L)'
_entity_poly.pdbx_seq_one_letter_code
;MSILTETVLPGIVQITMNRPERKNALDRACYQGLIDAITAAEADPDIRAMVLTGAGGCFTSGNDIKDFAGAAETGPRVAM
DYLGVLSTAKKPIVAAVEGFAVGIGTTMLLHCDLAFAGKGASFRMPFVALGLSPEGASSYLLPLIAGSKRAAELLMLGEA
FGPEIAHEAGLLNAVTPEGGALALAIEKARALAALPPQSVALTKMLLKRAQAPAVAETIATEGRLFGERLLSAEAQAAFA
AFLKR
;
_entity_poly.pdbx_strand_id   A
#
# COMPACT_ATOMS: atom_id res chain seq x y z
N MET A 1 -17.93 5.63 -0.55
CA MET A 1 -18.15 5.47 0.88
C MET A 1 -17.93 4.03 1.35
N SER A 2 -17.02 3.31 0.68
CA SER A 2 -16.50 2.04 1.13
C SER A 2 -15.18 2.21 1.87
N ILE A 3 -14.83 3.43 2.21
CA ILE A 3 -13.62 3.76 2.94
C ILE A 3 -14.07 4.35 4.28
N LEU A 4 -13.82 3.62 5.36
CA LEU A 4 -14.22 4.02 6.71
C LEU A 4 -13.13 4.88 7.34
N THR A 5 -13.54 5.94 8.03
CA THR A 5 -12.61 6.76 8.79
C THR A 5 -13.19 7.04 10.18
N GLU A 6 -12.39 6.78 11.21
CA GLU A 6 -12.76 7.10 12.59
C GLU A 6 -11.51 7.48 13.37
N THR A 7 -11.64 8.48 14.24
CA THR A 7 -10.66 8.69 15.29
C THR A 7 -10.87 7.61 16.34
N VAL A 8 -10.03 6.56 16.33
CA VAL A 8 -10.21 5.45 17.26
C VAL A 8 -9.53 5.68 18.60
N LEU A 9 -8.51 6.52 18.66
CA LEU A 9 -7.83 6.87 19.89
C LEU A 9 -7.38 8.32 19.75
N PRO A 10 -6.98 8.96 20.84
CA PRO A 10 -6.50 10.34 20.71
C PRO A 10 -5.33 10.40 19.73
N GLY A 11 -5.42 11.33 18.78
CA GLY A 11 -4.37 11.54 17.81
C GLY A 11 -4.31 10.56 16.67
N ILE A 12 -5.19 9.55 16.64
CA ILE A 12 -5.03 8.41 15.74
C ILE A 12 -6.31 8.25 14.93
N VAL A 13 -6.17 8.26 13.60
CA VAL A 13 -7.28 7.96 12.70
C VAL A 13 -7.04 6.58 12.11
N GLN A 14 -8.10 5.80 12.01
CA GLN A 14 -8.06 4.51 11.34
C GLN A 14 -8.84 4.62 10.04
N ILE A 15 -8.20 4.24 8.94
CA ILE A 15 -8.78 4.26 7.61
C ILE A 15 -8.95 2.81 7.18
N THR A 16 -10.18 2.40 6.92
CA THR A 16 -10.48 0.99 6.67
C THR A 16 -11.01 0.78 5.26
N MET A 17 -10.36 -0.11 4.52
CA MET A 17 -10.89 -0.58 3.25
C MET A 17 -12.00 -1.57 3.56
N ASN A 18 -13.23 -1.21 3.23
CA ASN A 18 -14.42 -1.95 3.68
C ASN A 18 -15.27 -2.36 2.47
N ARG A 19 -14.98 -3.55 1.92
CA ARG A 19 -15.74 -4.14 0.82
C ARG A 19 -15.56 -5.64 0.83
N PRO A 20 -15.91 -6.34 1.92
CA PRO A 20 -15.46 -7.74 2.06
C PRO A 20 -16.03 -8.67 0.99
N GLU A 21 -17.21 -8.34 0.44
CA GLU A 21 -17.78 -9.18 -0.62
C GLU A 21 -16.85 -9.26 -1.83
N ARG A 22 -16.09 -8.20 -2.09
CA ARG A 22 -15.11 -8.19 -3.18
C ARG A 22 -13.68 -8.09 -2.66
N LYS A 23 -13.43 -8.66 -1.47
CA LYS A 23 -12.10 -8.68 -0.84
C LYS A 23 -11.49 -7.28 -0.82
N ASN A 24 -12.30 -6.30 -0.42
CA ASN A 24 -11.88 -4.90 -0.29
C ASN A 24 -11.26 -4.38 -1.57
N ALA A 25 -11.68 -4.92 -2.71
CA ALA A 25 -11.20 -4.48 -4.03
C ALA A 25 -11.39 -2.97 -4.15
N LEU A 26 -10.40 -2.27 -4.70
CA LEU A 26 -10.41 -0.80 -4.78
C LEU A 26 -11.08 -0.28 -6.06
N ASP A 27 -12.28 0.30 -5.86
CA ASP A 27 -13.14 0.96 -6.88
C ASP A 27 -12.56 2.34 -7.16
N ARG A 28 -12.96 3.02 -8.23
CA ARG A 28 -12.41 4.38 -8.48
C ARG A 28 -12.73 5.32 -7.30
N ALA A 29 -13.92 5.23 -6.71
CA ALA A 29 -14.29 6.06 -5.56
C ALA A 29 -13.47 5.69 -4.32
N CYS A 30 -13.05 4.43 -4.20
CA CYS A 30 -12.21 3.96 -3.06
C CYS A 30 -10.91 4.76 -3.08
N TYR A 31 -10.32 4.92 -4.26
CA TYR A 31 -9.07 5.69 -4.40
C TYR A 31 -9.38 7.11 -3.97
N GLN A 32 -10.46 7.68 -4.49
CA GLN A 32 -10.87 9.02 -4.07
C GLN A 32 -11.12 9.05 -2.57
N GLY A 33 -11.85 8.05 -2.06
CA GLY A 33 -12.09 7.98 -0.62
C GLY A 33 -10.79 7.97 0.17
N LEU A 34 -9.82 7.17 -0.29
CA LEU A 34 -8.54 7.10 0.39
C LEU A 34 -7.78 8.44 0.28
N ILE A 35 -7.90 9.12 -0.85
CA ILE A 35 -7.27 10.44 -0.96
C ILE A 35 -7.89 11.41 0.02
N ASP A 36 -9.21 11.34 0.20
CA ASP A 36 -9.88 12.28 1.10
C ASP A 36 -9.47 12.06 2.54
N ALA A 37 -9.40 10.79 2.98
CA ALA A 37 -9.08 10.50 4.37
C ALA A 37 -7.68 10.98 4.71
N ILE A 38 -6.69 10.64 3.86
CA ILE A 38 -5.31 11.04 4.12
C ILE A 38 -5.20 12.56 4.16
N THR A 39 -5.77 13.22 3.15
CA THR A 39 -5.76 14.68 3.08
C THR A 39 -6.36 15.31 4.33
N ALA A 40 -7.53 14.84 4.74
CA ALA A 40 -8.18 15.39 5.94
C ALA A 40 -7.32 15.16 7.17
N ALA A 41 -6.78 13.94 7.32
CA ALA A 41 -5.94 13.65 8.48
C ALA A 41 -4.66 14.48 8.48
N GLU A 42 -4.12 14.76 7.30
CA GLU A 42 -2.91 15.58 7.21
C GLU A 42 -3.19 17.02 7.64
N ALA A 43 -4.34 17.55 7.24
CA ALA A 43 -4.74 18.91 7.55
C ALA A 43 -5.23 19.04 8.98
N ASP A 44 -5.55 17.94 9.63
CA ASP A 44 -6.19 18.00 10.93
C ASP A 44 -5.12 18.06 12.03
N PRO A 45 -4.99 19.18 12.73
CA PRO A 45 -3.98 19.25 13.80
C PRO A 45 -4.30 18.36 15.00
N ASP A 46 -5.52 17.82 15.09
CA ASP A 46 -5.83 16.81 16.09
C ASP A 46 -4.94 15.56 15.92
N ILE A 47 -4.55 15.25 14.68
CA ILE A 47 -4.20 13.89 14.28
C ILE A 47 -2.68 13.79 14.16
N ARG A 48 -2.12 12.78 14.83
CA ARG A 48 -0.67 12.56 14.83
C ARG A 48 -0.25 11.25 14.17
N ALA A 49 -1.17 10.31 13.93
CA ALA A 49 -0.82 9.09 13.22
C ALA A 49 -2.05 8.55 12.49
N MET A 50 -1.80 7.76 11.46
CA MET A 50 -2.84 7.07 10.70
C MET A 50 -2.54 5.57 10.72
N VAL A 51 -3.56 4.78 10.96
CA VAL A 51 -3.52 3.35 10.74
C VAL A 51 -4.40 3.02 9.54
N LEU A 52 -3.87 2.21 8.63
CA LEU A 52 -4.56 1.81 7.41
C LEU A 52 -4.72 0.30 7.38
N THR A 53 -5.92 -0.18 7.10
CA THR A 53 -6.22 -1.60 7.21
C THR A 53 -7.42 -1.96 6.34
N GLY A 54 -7.72 -3.24 6.26
CA GLY A 54 -8.90 -3.71 5.56
C GLY A 54 -9.84 -4.51 6.45
N ALA A 55 -11.12 -4.56 6.11
CA ALA A 55 -12.11 -5.29 6.89
C ALA A 55 -12.17 -6.77 6.49
N GLY A 56 -12.66 -7.57 7.42
CA GLY A 56 -13.06 -8.96 7.14
C GLY A 56 -11.94 -9.95 6.91
N GLY A 57 -10.83 -9.82 7.63
CA GLY A 57 -9.69 -10.70 7.40
C GLY A 57 -9.01 -10.51 6.06
N CYS A 58 -9.17 -9.34 5.46
CA CYS A 58 -8.62 -9.03 4.15
C CYS A 58 -8.05 -7.61 4.19
N PHE A 59 -6.95 -7.40 3.46
CA PHE A 59 -6.37 -6.07 3.33
C PHE A 59 -6.96 -5.44 2.07
N THR A 60 -6.39 -5.74 0.90
CA THR A 60 -7.11 -5.56 -0.35
C THR A 60 -6.58 -6.51 -1.40
N SER A 61 -7.48 -6.97 -2.26
CA SER A 61 -7.12 -7.73 -3.44
C SER A 61 -6.62 -6.84 -4.57
N GLY A 62 -6.60 -5.53 -4.38
CA GLY A 62 -6.05 -4.62 -5.35
C GLY A 62 -7.09 -3.88 -6.17
N ASN A 63 -6.65 -3.43 -7.35
CA ASN A 63 -7.47 -2.64 -8.25
C ASN A 63 -8.66 -3.46 -8.75
N ASP A 64 -9.85 -2.89 -8.63
CA ASP A 64 -11.09 -3.56 -9.06
C ASP A 64 -11.18 -3.59 -10.58
N ILE A 65 -11.24 -4.80 -11.15
CA ILE A 65 -11.15 -4.94 -12.61
C ILE A 65 -12.32 -4.23 -13.29
N LYS A 66 -13.52 -4.35 -12.74
CA LYS A 66 -14.69 -3.67 -13.27
C LYS A 66 -14.67 -2.17 -12.99
N ASP A 67 -14.83 -1.79 -11.73
CA ASP A 67 -15.01 -0.39 -11.33
C ASP A 67 -13.73 0.43 -11.46
N GLY A 75 -7.10 6.40 -16.88
CA GLY A 75 -7.26 5.01 -16.49
C GLY A 75 -6.61 4.76 -15.15
N PRO A 76 -5.30 4.50 -15.15
CA PRO A 76 -4.53 4.37 -13.91
C PRO A 76 -4.17 5.69 -13.25
N ARG A 77 -4.68 6.82 -13.74
CA ARG A 77 -4.27 8.11 -13.20
C ARG A 77 -4.75 8.29 -11.76
N VAL A 78 -5.91 7.75 -11.41
CA VAL A 78 -6.42 7.96 -10.06
C VAL A 78 -5.65 7.10 -9.06
N ALA A 79 -5.30 5.87 -9.46
CA ALA A 79 -4.35 5.09 -8.69
C ALA A 79 -3.06 5.87 -8.46
N MET A 80 -2.54 6.49 -9.53
CA MET A 80 -1.31 7.28 -9.42
C MET A 80 -1.50 8.47 -8.48
N ASP A 81 -2.66 9.14 -8.53
CA ASP A 81 -2.90 10.25 -7.61
C ASP A 81 -2.88 9.77 -6.17
N TYR A 82 -3.46 8.61 -5.91
CA TYR A 82 -3.45 8.06 -4.56
C TYR A 82 -2.02 7.78 -4.11
N LEU A 83 -1.23 7.11 -4.96
CA LEU A 83 0.16 6.83 -4.60
C LEU A 83 0.93 8.12 -4.37
N GLY A 84 0.74 9.10 -5.26
CA GLY A 84 1.35 10.41 -5.04
C GLY A 84 0.95 11.02 -3.71
N VAL A 85 -0.32 10.90 -3.33
CA VAL A 85 -0.75 11.39 -2.03
C VAL A 85 -0.12 10.56 -0.92
N LEU A 86 -0.21 9.23 -0.99
CA LEU A 86 0.32 8.37 0.06
C LEU A 86 1.81 8.61 0.27
N SER A 87 2.57 8.68 -0.83
CA SER A 87 4.02 8.75 -0.74
C SER A 87 4.53 10.09 -0.19
N THR A 88 3.71 11.16 -0.23
CA THR A 88 4.14 12.47 0.26
C THR A 88 3.45 12.90 1.55
N ALA A 89 2.64 12.04 2.17
CA ALA A 89 2.03 12.39 3.45
C ALA A 89 3.09 12.71 4.49
N LYS A 90 2.84 13.75 5.29
CA LYS A 90 3.85 14.21 6.23
C LYS A 90 3.76 13.50 7.58
N LYS A 91 2.64 12.87 7.89
CA LYS A 91 2.45 12.24 9.19
C LYS A 91 2.66 10.74 9.09
N PRO A 92 2.95 10.07 10.20
CA PRO A 92 3.20 8.63 10.15
C PRO A 92 1.96 7.85 9.69
N ILE A 93 2.18 6.82 8.88
CA ILE A 93 1.13 5.91 8.43
C ILE A 93 1.53 4.49 8.77
N VAL A 94 0.66 3.77 9.49
CA VAL A 94 0.96 2.42 9.94
C VAL A 94 -0.07 1.48 9.32
N ALA A 95 0.42 0.46 8.61
CA ALA A 95 -0.44 -0.50 7.92
C ALA A 95 -0.60 -1.76 8.75
N ALA A 96 -1.77 -2.38 8.61
CA ALA A 96 -2.08 -3.64 9.29
C ALA A 96 -2.78 -4.54 8.29
N VAL A 97 -2.17 -5.67 7.99
CA VAL A 97 -2.56 -6.53 6.88
C VAL A 97 -3.03 -7.87 7.42
N GLU A 98 -4.24 -8.27 7.02
CA GLU A 98 -4.73 -9.64 7.12
C GLU A 98 -5.12 -10.11 5.73
N GLY A 99 -4.98 -11.42 5.49
CA GLY A 99 -5.47 -11.99 4.24
C GLY A 99 -4.75 -11.45 3.02
N PHE A 100 -5.54 -11.11 2.00
CA PHE A 100 -5.01 -10.72 0.69
C PHE A 100 -4.51 -9.29 0.71
N ALA A 101 -3.27 -9.09 0.25
CA ALA A 101 -2.71 -7.77 -0.04
C ALA A 101 -2.05 -7.89 -1.42
N VAL A 102 -2.80 -7.62 -2.48
CA VAL A 102 -2.44 -8.04 -3.83
C VAL A 102 -2.40 -6.82 -4.73
N GLY A 103 -1.38 -6.78 -5.61
CA GLY A 103 -1.23 -5.65 -6.51
C GLY A 103 -0.86 -4.41 -5.72
N ILE A 104 -1.63 -3.34 -5.93
CA ILE A 104 -1.45 -2.14 -5.14
C ILE A 104 -1.68 -2.42 -3.66
N GLY A 105 -2.36 -3.53 -3.35
CA GLY A 105 -2.37 -4.00 -1.97
C GLY A 105 -0.98 -4.17 -1.39
N THR A 106 -0.05 -4.71 -2.17
CA THR A 106 1.32 -4.83 -1.71
C THR A 106 2.10 -3.51 -1.88
N THR A 107 2.04 -2.89 -3.07
CA THR A 107 2.96 -1.80 -3.34
C THR A 107 2.66 -0.58 -2.48
N MET A 108 1.40 -0.36 -2.10
CA MET A 108 1.13 0.76 -1.20
C MET A 108 1.83 0.60 0.16
N LEU A 109 2.17 -0.64 0.56
CA LEU A 109 2.91 -0.81 1.80
C LEU A 109 4.28 -0.14 1.74
N LEU A 110 4.83 0.07 0.53
CA LEU A 110 6.14 0.68 0.38
C LEU A 110 6.16 2.10 0.91
N HIS A 111 5.00 2.77 0.91
CA HIS A 111 4.91 4.17 1.30
C HIS A 111 4.39 4.37 2.72
N CYS A 112 3.94 3.30 3.38
CA CYS A 112 3.64 3.35 4.80
C CYS A 112 4.94 3.31 5.59
N ASP A 113 4.98 4.06 6.67
CA ASP A 113 6.19 4.13 7.49
C ASP A 113 6.39 2.84 8.27
N LEU A 114 5.30 2.22 8.74
CA LEU A 114 5.34 0.93 9.42
C LEU A 114 4.27 0.01 8.85
N ALA A 115 4.52 -1.29 8.90
CA ALA A 115 3.57 -2.26 8.35
C ALA A 115 3.67 -3.56 9.13
N PHE A 116 2.51 -4.12 9.50
CA PHE A 116 2.47 -5.40 10.20
C PHE A 116 1.42 -6.28 9.54
N ALA A 117 1.69 -7.57 9.46
CA ALA A 117 0.73 -8.54 8.95
C ALA A 117 0.64 -9.74 9.88
N GLY A 118 -0.57 -10.33 9.95
CA GLY A 118 -0.73 -11.60 10.62
C GLY A 118 -0.32 -12.78 9.75
N LYS A 119 -0.01 -13.90 10.40
CA LYS A 119 0.14 -15.17 9.69
C LYS A 119 -1.10 -15.44 8.83
N GLY A 120 -0.89 -16.15 7.73
CA GLY A 120 -1.97 -16.34 6.78
C GLY A 120 -2.14 -15.23 5.76
N ALA A 121 -1.42 -14.12 5.89
CA ALA A 121 -1.47 -13.07 4.87
C ALA A 121 -0.84 -13.57 3.58
N SER A 122 -1.34 -13.07 2.46
CA SER A 122 -0.87 -13.52 1.16
C SER A 122 -0.62 -12.32 0.26
N PHE A 123 0.64 -12.11 -0.11
CA PHE A 123 1.05 -10.96 -0.90
C PHE A 123 1.36 -11.39 -2.33
N ARG A 124 1.14 -10.48 -3.27
CA ARG A 124 1.51 -10.79 -4.64
C ARG A 124 1.50 -9.53 -5.49
N MET A 125 2.49 -9.41 -6.38
CA MET A 125 2.45 -8.42 -7.44
C MET A 125 2.36 -9.12 -8.79
N PRO A 126 1.14 -9.38 -9.31
CA PRO A 126 0.98 -10.19 -10.52
C PRO A 126 0.90 -9.36 -11.79
N PHE A 127 1.55 -8.20 -11.80
CA PHE A 127 1.50 -7.34 -12.98
C PHE A 127 2.09 -8.03 -14.19
N VAL A 128 3.25 -8.68 -14.03
CA VAL A 128 3.91 -9.31 -15.16
C VAL A 128 3.03 -10.38 -15.77
N ALA A 129 2.32 -11.14 -14.91
CA ALA A 129 1.46 -12.22 -15.40
C ALA A 129 0.27 -11.66 -16.18
N LEU A 130 -0.15 -10.44 -15.89
CA LEU A 130 -1.22 -9.83 -16.66
C LEU A 130 -0.68 -9.05 -17.84
N GLY A 131 0.56 -9.30 -18.25
CA GLY A 131 1.16 -8.55 -19.34
C GLY A 131 1.24 -7.06 -19.08
N LEU A 132 1.38 -6.66 -17.81
CA LEU A 132 1.48 -5.27 -17.42
C LEU A 132 2.92 -4.98 -16.98
N SER A 133 3.08 -4.10 -16.01
CA SER A 133 4.39 -3.60 -15.63
C SER A 133 4.30 -3.08 -14.21
N PRO A 134 5.44 -2.85 -13.55
CA PRO A 134 5.41 -2.50 -12.11
C PRO A 134 4.73 -1.16 -11.86
N GLU A 135 4.20 -1.00 -10.66
CA GLU A 135 3.64 0.29 -10.28
C GLU A 135 4.03 0.60 -8.83
N GLY A 136 3.54 1.72 -8.31
CA GLY A 136 3.77 2.10 -6.94
C GLY A 136 5.18 2.56 -6.61
N ALA A 137 5.99 2.88 -7.63
CA ALA A 137 7.43 3.04 -7.51
C ALA A 137 8.10 1.77 -7.02
N SER A 138 7.44 0.63 -7.17
CA SER A 138 8.03 -0.65 -6.79
C SER A 138 9.31 -0.96 -7.58
N SER A 139 9.38 -0.54 -8.85
CA SER A 139 10.56 -0.88 -9.63
C SER A 139 11.80 -0.15 -9.14
N TYR A 140 11.61 0.95 -8.42
CA TYR A 140 12.72 1.67 -7.81
C TYR A 140 12.95 1.25 -6.36
N LEU A 141 11.88 1.19 -5.57
CA LEU A 141 12.06 0.98 -4.14
C LEU A 141 12.40 -0.46 -3.80
N LEU A 142 11.71 -1.40 -4.45
CA LEU A 142 11.85 -2.80 -4.07
C LEU A 142 13.28 -3.32 -4.19
N PRO A 143 14.04 -3.00 -5.26
CA PRO A 143 15.47 -3.39 -5.23
C PRO A 143 16.22 -2.80 -4.06
N LEU A 144 15.89 -1.56 -3.67
CA LEU A 144 16.61 -0.93 -2.56
C LEU A 144 16.33 -1.63 -1.23
N ILE A 145 15.08 -2.00 -0.94
CA ILE A 145 14.79 -2.55 0.37
C ILE A 145 14.90 -4.08 0.43
N ALA A 146 14.78 -4.76 -0.72
CA ALA A 146 14.77 -6.21 -0.71
C ALA A 146 16.02 -6.82 -1.34
N GLY A 147 16.92 -6.01 -1.92
CA GLY A 147 17.96 -6.54 -2.78
C GLY A 147 17.41 -6.90 -4.15
N SER A 148 18.27 -6.87 -5.17
CA SER A 148 17.76 -7.04 -6.54
C SER A 148 17.35 -8.48 -6.80
N LYS A 149 18.06 -9.45 -6.23
CA LYS A 149 17.63 -10.85 -6.36
C LYS A 149 16.17 -10.99 -5.99
N ARG A 150 15.81 -10.58 -4.77
CA ARG A 150 14.45 -10.79 -4.29
C ARG A 150 13.44 -9.92 -5.04
N ALA A 151 13.82 -8.69 -5.39
CA ALA A 151 12.94 -7.84 -6.21
C ALA A 151 12.61 -8.50 -7.56
N ALA A 152 13.55 -9.25 -8.14
CA ALA A 152 13.30 -9.94 -9.40
C ALA A 152 12.31 -11.10 -9.23
N GLU A 153 12.42 -11.90 -8.16
CA GLU A 153 11.48 -13.01 -7.98
C GLU A 153 10.07 -12.47 -7.75
N LEU A 154 9.95 -11.36 -7.04
CA LEU A 154 8.62 -10.83 -6.73
C LEU A 154 8.01 -10.06 -7.89
N LEU A 155 8.77 -9.22 -8.57
CA LEU A 155 8.17 -8.42 -9.64
C LEU A 155 8.26 -9.11 -11.00
N MET A 156 9.39 -9.71 -11.33
CA MET A 156 9.59 -10.31 -12.65
C MET A 156 8.85 -11.64 -12.78
N LEU A 157 8.91 -12.50 -11.74
CA LEU A 157 8.13 -13.73 -11.70
C LEU A 157 6.73 -13.53 -11.17
N GLY A 158 6.50 -12.50 -10.36
CA GLY A 158 5.19 -12.32 -9.75
C GLY A 158 4.78 -13.46 -8.85
N GLU A 159 5.69 -13.93 -8.00
CA GLU A 159 5.37 -14.98 -7.05
C GLU A 159 4.52 -14.46 -5.91
N ALA A 160 3.48 -15.22 -5.57
CA ALA A 160 2.78 -15.06 -4.29
C ALA A 160 3.74 -15.28 -3.14
N PHE A 161 3.53 -14.57 -2.04
CA PHE A 161 4.41 -14.78 -0.90
C PHE A 161 3.71 -14.42 0.40
N GLY A 162 4.18 -15.05 1.48
CA GLY A 162 3.62 -14.90 2.81
C GLY A 162 4.27 -13.78 3.60
N PRO A 163 3.85 -13.59 4.85
CA PRO A 163 4.38 -12.43 5.63
C PRO A 163 5.84 -12.57 6.02
N GLU A 164 6.34 -13.79 6.22
CA GLU A 164 7.74 -13.94 6.60
C GLU A 164 8.65 -13.49 5.48
N ILE A 165 8.36 -13.90 4.24
CA ILE A 165 9.10 -13.37 3.11
C ILE A 165 8.86 -11.87 2.99
N ALA A 166 7.66 -11.40 3.33
CA ALA A 166 7.41 -9.97 3.24
C ALA A 166 8.26 -9.20 4.26
N HIS A 167 8.40 -9.73 5.48
CA HIS A 167 9.39 -9.21 6.44
C HIS A 167 10.78 -9.21 5.84
N GLU A 168 11.24 -10.38 5.37
CA GLU A 168 12.60 -10.49 4.85
C GLU A 168 12.83 -9.56 3.67
N ALA A 169 11.78 -9.20 2.93
CA ALA A 169 11.91 -8.32 1.78
C ALA A 169 11.72 -6.84 2.11
N GLY A 170 11.67 -6.49 3.39
CA GLY A 170 11.57 -5.08 3.73
C GLY A 170 10.19 -4.49 3.54
N LEU A 171 9.15 -5.31 3.45
CA LEU A 171 7.79 -4.80 3.38
C LEU A 171 7.11 -4.74 4.74
N LEU A 172 7.62 -5.46 5.74
CA LEU A 172 6.96 -5.52 7.04
C LEU A 172 7.96 -5.37 8.18
N ASN A 173 7.59 -4.55 9.16
CA ASN A 173 8.37 -4.52 10.40
C ASN A 173 8.27 -5.85 11.16
N ALA A 174 7.07 -6.42 11.28
CA ALA A 174 6.92 -7.65 12.05
C ALA A 174 5.68 -8.42 11.62
N VAL A 175 5.72 -9.73 11.85
CA VAL A 175 4.58 -10.63 11.63
C VAL A 175 4.00 -10.99 13.00
N THR A 176 2.70 -10.78 13.15
CA THR A 176 1.91 -11.19 14.29
C THR A 176 1.20 -12.49 13.99
N PRO A 177 0.57 -13.12 14.99
CA PRO A 177 -0.32 -14.25 14.68
C PRO A 177 -1.53 -13.76 13.89
N GLU A 178 -2.33 -14.70 13.41
CA GLU A 178 -3.45 -14.34 12.55
C GLU A 178 -4.47 -13.50 13.32
N GLY A 179 -4.94 -12.43 12.66
CA GLY A 179 -5.86 -11.49 13.27
C GLY A 179 -5.23 -10.51 14.23
N GLY A 180 -3.92 -10.59 14.47
CA GLY A 180 -3.28 -9.72 15.43
C GLY A 180 -2.53 -8.51 14.89
N ALA A 181 -2.58 -8.25 13.58
CA ALA A 181 -1.79 -7.16 13.02
C ALA A 181 -2.36 -5.79 13.39
N LEU A 182 -3.69 -5.66 13.46
CA LEU A 182 -4.28 -4.36 13.78
C LEU A 182 -3.98 -3.94 15.21
N ALA A 183 -3.96 -4.88 16.16
CA ALA A 183 -3.66 -4.55 17.54
C ALA A 183 -2.24 -4.02 17.68
N LEU A 184 -1.28 -4.66 17.00
CA LEU A 184 0.09 -4.18 17.01
C LEU A 184 0.21 -2.84 16.31
N ALA A 185 -0.48 -2.69 15.17
CA ALA A 185 -0.43 -1.43 14.43
C ALA A 185 -0.91 -0.28 15.30
N ILE A 186 -1.99 -0.50 16.06
CA ILE A 186 -2.55 0.54 16.91
C ILE A 186 -1.60 0.87 18.04
N GLU A 187 -0.96 -0.16 18.62
CA GLU A 187 0.04 0.05 19.65
C GLU A 187 1.16 0.96 19.14
N LYS A 188 1.68 0.68 17.94
CA LYS A 188 2.79 1.47 17.45
C LYS A 188 2.34 2.89 17.09
N ALA A 189 1.13 3.03 16.56
CA ALA A 189 0.60 4.37 16.30
C ALA A 189 0.43 5.17 17.58
N ARG A 190 -0.01 4.51 18.66
CA ARG A 190 -0.10 5.17 19.96
C ARG A 190 1.26 5.70 20.40
N ALA A 191 2.31 4.87 20.29
CA ALA A 191 3.66 5.32 20.65
C ALA A 191 4.11 6.47 19.75
N LEU A 192 3.79 6.41 18.46
CA LEU A 192 4.06 7.55 17.57
C LEU A 192 3.32 8.80 18.02
N ALA A 193 2.04 8.65 18.39
CA ALA A 193 1.25 9.81 18.78
C ALA A 193 1.72 10.39 20.11
N ALA A 194 2.29 9.57 20.99
CA ALA A 194 2.80 10.12 22.24
C ALA A 194 4.10 10.90 22.07
N LEU A 195 4.79 10.81 20.91
CA LEU A 195 6.07 11.47 20.72
C LEU A 195 5.88 12.92 20.24
N PRO A 196 6.91 13.75 20.34
CA PRO A 196 6.77 15.16 19.89
C PRO A 196 6.55 15.21 18.39
N PRO A 197 5.37 15.69 17.97
CA PRO A 197 4.97 15.52 16.56
C PRO A 197 5.86 16.23 15.56
N GLN A 198 6.31 17.45 15.86
CA GLN A 198 7.18 18.13 14.89
C GLN A 198 8.45 17.33 14.68
N SER A 199 8.99 16.77 15.77
CA SER A 199 10.20 15.97 15.68
C SER A 199 9.95 14.69 14.90
N VAL A 200 8.78 14.09 15.08
CA VAL A 200 8.43 12.90 14.30
C VAL A 200 8.36 13.27 12.83
N ALA A 201 7.73 14.41 12.51
CA ALA A 201 7.58 14.81 11.11
C ALA A 201 8.92 15.11 10.48
N LEU A 202 9.78 15.82 11.21
CA LEU A 202 11.10 16.15 10.66
C LEU A 202 11.90 14.88 10.39
N THR A 203 11.81 13.91 11.29
CA THR A 203 12.56 12.67 11.11
C THR A 203 12.07 11.91 9.89
N LYS A 204 10.75 11.80 9.73
CA LYS A 204 10.22 11.07 8.58
C LYS A 204 10.65 11.73 7.27
N MET A 205 10.61 13.06 7.24
CA MET A 205 11.02 13.82 6.06
C MET A 205 12.48 13.58 5.72
N LEU A 206 13.36 13.60 6.75
CA LEU A 206 14.78 13.33 6.51
C LEU A 206 15.02 11.88 6.07
N LEU A 207 14.30 10.92 6.69
CA LEU A 207 14.40 9.53 6.27
C LEU A 207 14.08 9.38 4.78
N LYS A 208 13.13 10.16 4.28
CA LYS A 208 12.66 10.01 2.91
C LYS A 208 13.29 11.03 1.96
N ARG A 209 14.21 11.85 2.46
CA ARG A 209 14.73 12.97 1.68
C ARG A 209 15.47 12.49 0.42
N ALA A 210 16.30 11.45 0.54
CA ALA A 210 17.10 10.99 -0.59
C ALA A 210 16.26 10.28 -1.65
N GLN A 211 15.23 9.54 -1.23
CA GLN A 211 14.43 8.79 -2.20
C GLN A 211 13.34 9.62 -2.87
N ALA A 212 12.96 10.76 -2.29
CA ALA A 212 11.68 11.39 -2.65
C ALA A 212 11.59 11.82 -4.11
N PRO A 213 12.58 12.50 -4.71
CA PRO A 213 12.42 12.89 -6.12
C PRO A 213 12.38 11.68 -7.05
N ALA A 214 13.19 10.66 -6.77
CA ALA A 214 13.19 9.47 -7.61
C ALA A 214 11.88 8.70 -7.49
N VAL A 215 11.23 8.73 -6.31
CA VAL A 215 9.93 8.09 -6.18
C VAL A 215 8.90 8.80 -7.04
N ALA A 216 8.88 10.13 -6.97
CA ALA A 216 7.90 10.88 -7.75
C ALA A 216 8.13 10.71 -9.25
N GLU A 217 9.40 10.73 -9.69
CA GLU A 217 9.62 10.53 -11.12
C GLU A 217 9.37 9.09 -11.53
N THR A 218 9.59 8.12 -10.63
CA THR A 218 9.32 6.73 -10.97
C THR A 218 7.83 6.46 -11.08
N ILE A 219 7.02 7.01 -10.16
CA ILE A 219 5.56 6.85 -10.25
C ILE A 219 5.06 7.36 -11.59
N ALA A 220 5.52 8.55 -12.00
CA ALA A 220 5.09 9.10 -13.29
C ALA A 220 5.57 8.22 -14.46
N THR A 221 6.79 7.70 -14.38
CA THR A 221 7.30 6.91 -15.49
C THR A 221 6.64 5.52 -15.55
N GLU A 222 6.49 4.86 -14.39
CA GLU A 222 5.74 3.61 -14.35
C GLU A 222 4.32 3.81 -14.85
N GLY A 223 3.66 4.89 -14.44
CA GLY A 223 2.29 5.11 -14.86
C GLY A 223 2.14 5.21 -16.37
N ARG A 224 3.08 5.92 -17.02
CA ARG A 224 3.07 6.04 -18.47
C ARG A 224 3.25 4.68 -19.15
N LEU A 225 4.23 3.89 -18.69
CA LEU A 225 4.41 2.56 -19.26
C LEU A 225 3.21 1.64 -18.95
N PHE A 226 2.71 1.68 -17.72
CA PHE A 226 1.52 0.91 -17.35
C PHE A 226 0.36 1.23 -18.28
N GLY A 227 0.16 2.53 -18.57
CA GLY A 227 -0.86 2.92 -19.53
C GLY A 227 -0.59 2.35 -20.92
N GLU A 228 0.67 2.48 -21.39
CA GLU A 228 1.05 1.80 -22.63
C GLU A 228 0.69 0.30 -22.55
N ARG A 229 1.10 -0.37 -21.47
CA ARG A 229 0.93 -1.82 -21.39
C ARG A 229 -0.54 -2.24 -21.33
N LEU A 230 -1.41 -1.43 -20.73
CA LEU A 230 -2.84 -1.73 -20.76
C LEU A 230 -3.40 -1.82 -22.19
N LEU A 231 -2.65 -1.36 -23.18
CA LEU A 231 -3.06 -1.40 -24.57
C LEU A 231 -2.35 -2.48 -25.37
N SER A 232 -1.38 -3.19 -24.78
CA SER A 232 -0.66 -4.21 -25.52
C SER A 232 -1.57 -5.42 -25.81
N ALA A 233 -1.21 -6.16 -26.86
CA ALA A 233 -1.86 -7.45 -27.12
C ALA A 233 -1.62 -8.44 -25.98
N GLU A 234 -0.42 -8.44 -25.40
CA GLU A 234 -0.11 -9.34 -24.28
C GLU A 234 -1.10 -9.16 -23.14
N ALA A 235 -1.34 -7.89 -22.74
CA ALA A 235 -2.29 -7.61 -21.67
C ALA A 235 -3.70 -8.04 -22.09
N GLN A 236 -4.06 -7.79 -23.34
CA GLN A 236 -5.35 -8.24 -23.83
C GLN A 236 -5.47 -9.77 -23.73
N ALA A 237 -4.44 -10.50 -24.21
CA ALA A 237 -4.51 -11.96 -24.13
C ALA A 237 -4.48 -12.44 -22.69
N ALA A 238 -3.64 -11.82 -21.83
CA ALA A 238 -3.49 -12.32 -20.47
C ALA A 238 -4.76 -12.12 -19.66
N PHE A 239 -5.44 -10.98 -19.84
CA PHE A 239 -6.72 -10.78 -19.16
C PHE A 239 -7.77 -11.78 -19.64
N ALA A 240 -7.81 -12.04 -20.96
CA ALA A 240 -8.72 -13.07 -21.47
C ALA A 240 -8.37 -14.44 -20.90
N ALA A 241 -7.07 -14.72 -20.77
CA ALA A 241 -6.63 -15.94 -20.09
C ALA A 241 -7.03 -15.92 -18.62
N PHE A 242 -6.92 -14.76 -17.97
CA PHE A 242 -7.27 -14.64 -16.56
C PHE A 242 -8.75 -14.82 -16.31
N LEU A 243 -9.58 -14.60 -17.32
CA LEU A 243 -11.01 -14.89 -17.24
C LEU A 243 -11.36 -16.29 -17.75
N LYS A 244 -10.35 -17.13 -17.96
CA LYS A 244 -10.51 -18.54 -18.35
C LYS A 244 -11.20 -18.69 -19.69
#